data_4X89
#
_entry.id   4X89
#
_cell.length_a   80.000
_cell.length_b   329.240
_cell.length_c   80.020
_cell.angle_alpha   90.00
_cell.angle_beta   90.00
_cell.angle_gamma   90.00
#
_symmetry.space_group_name_H-M   'C 2 2 21'
#
loop_
_entity.id
_entity.type
_entity.pdbx_description
1 polymer 'Ion transport protein'
2 non-polymer HEGA-10
3 non-polymer 'PENTAETHYLENE GLYCOL'
4 non-polymer 'SODIUM ION'
5 non-polymer 'SILVER ION'
6 water water
#
_entity_poly.entity_id   1
_entity_poly.type   'polypeptide(L)'
_entity_poly.pdbx_seq_one_letter_code
;GSHMGVGSVAALLTVVFYIAAVMATNLYGATFPEWFGDLSKSLYTLFQVMTLESWSMGIVRPVMNVHPNAWVFFIPFIML
TTFTVLNLFIGIIVDAMAITKEQEEEAKTGHHQEPISQTLLHLGDRLDRIEKQLAQNNELLQRQQPQKK
;
_entity_poly.pdbx_strand_id   A,B,C,D
#
loop_
_chem_comp.id
_chem_comp.type
_chem_comp.name
_chem_comp.formula
1PE non-polymer 'PENTAETHYLENE GLYCOL' 'C10 H22 O6'
2CV non-polymer HEGA-10 'C18 H37 N O7'
AG non-polymer 'SILVER ION' 'Ag 1'
NA non-polymer 'SODIUM ION' 'Na 1'
#
# COMPACT_ATOMS: atom_id res chain seq x y z
N VAL A 6 10.20 -8.70 -38.92
CA VAL A 6 8.82 -8.40 -38.53
C VAL A 6 8.17 -9.61 -37.87
N GLY A 7 8.28 -10.77 -38.52
CA GLY A 7 7.75 -12.04 -38.04
C GLY A 7 8.57 -12.58 -36.88
N SER A 8 9.91 -12.46 -36.99
CA SER A 8 10.88 -12.88 -35.98
C SER A 8 10.77 -12.02 -34.71
N VAL A 9 10.40 -10.73 -34.87
CA VAL A 9 10.20 -9.74 -33.80
C VAL A 9 8.97 -10.16 -32.97
N ALA A 10 7.88 -10.56 -33.66
CA ALA A 10 6.63 -11.05 -33.07
C ALA A 10 6.86 -12.40 -32.38
N ALA A 11 7.77 -13.22 -32.94
CA ALA A 11 8.15 -14.53 -32.42
C ALA A 11 8.97 -14.37 -31.13
N LEU A 12 9.92 -13.41 -31.13
CA LEU A 12 10.78 -13.10 -29.98
C LEU A 12 9.95 -12.56 -28.83
N LEU A 13 8.97 -11.69 -29.14
CA LEU A 13 8.08 -11.07 -28.17
C LEU A 13 7.15 -12.10 -27.52
N THR A 14 6.62 -13.07 -28.28
CA THR A 14 5.72 -14.12 -27.78
C THR A 14 6.47 -15.03 -26.82
N VAL A 15 7.70 -15.46 -27.20
CA VAL A 15 8.58 -16.33 -26.41
C VAL A 15 8.94 -15.66 -25.07
N VAL A 16 9.43 -14.40 -25.13
CA VAL A 16 9.82 -13.58 -23.97
C VAL A 16 8.62 -13.34 -23.04
N PHE A 17 7.45 -13.03 -23.61
CA PHE A 17 6.21 -12.80 -22.89
C PHE A 17 5.74 -14.05 -22.14
N TYR A 18 5.89 -15.23 -22.77
CA TYR A 18 5.52 -16.50 -22.16
C TYR A 18 6.48 -16.91 -21.05
N ILE A 19 7.81 -16.79 -21.29
CA ILE A 19 8.87 -17.09 -20.34
C ILE A 19 8.73 -16.24 -19.08
N ALA A 20 8.49 -14.92 -19.25
CA ALA A 20 8.29 -13.96 -18.17
C ALA A 20 7.04 -14.26 -17.35
N ALA A 21 5.95 -14.68 -18.02
CA ALA A 21 4.68 -15.04 -17.39
C ALA A 21 4.81 -16.31 -16.57
N VAL A 22 5.67 -17.26 -17.00
CA VAL A 22 6.02 -18.48 -16.29
C VAL A 22 6.81 -18.08 -15.01
N MET A 23 7.85 -17.23 -15.17
CA MET A 23 8.71 -16.68 -14.11
C MET A 23 7.91 -15.94 -13.02
N ALA A 24 6.93 -15.09 -13.44
CA ALA A 24 6.09 -14.28 -12.55
C ALA A 24 5.15 -15.11 -11.68
N THR A 25 4.51 -16.16 -12.26
CA THR A 25 3.59 -17.10 -11.59
C THR A 25 4.33 -17.78 -10.42
N ASN A 26 5.60 -18.17 -10.66
CA ASN A 26 6.42 -18.80 -9.65
C ASN A 26 6.88 -17.85 -8.56
N LEU A 27 7.28 -16.63 -8.97
CA LEU A 27 7.81 -15.63 -8.08
C LEU A 27 6.76 -14.99 -7.17
N TYR A 28 5.67 -14.46 -7.75
CA TYR A 28 4.65 -13.69 -7.02
C TYR A 28 3.25 -14.31 -6.97
N GLY A 29 3.11 -15.51 -7.52
CA GLY A 29 1.84 -16.21 -7.56
C GLY A 29 1.21 -16.52 -6.22
N ALA A 30 2.03 -16.93 -5.25
CA ALA A 30 1.56 -17.30 -3.92
C ALA A 30 1.16 -16.11 -3.05
N THR A 31 1.89 -15.00 -3.21
CA THR A 31 1.74 -13.78 -2.40
C THR A 31 0.81 -12.75 -3.04
N PHE A 32 0.65 -12.80 -4.38
CA PHE A 32 -0.22 -11.93 -5.18
C PHE A 32 -1.06 -12.80 -6.17
N PRO A 33 -1.92 -13.74 -5.64
CA PRO A 33 -2.67 -14.65 -6.53
C PRO A 33 -3.68 -14.03 -7.51
N GLU A 34 -4.16 -12.79 -7.26
CA GLU A 34 -5.09 -12.15 -8.20
C GLU A 34 -4.37 -11.69 -9.46
N TRP A 35 -3.11 -11.23 -9.33
CA TRP A 35 -2.31 -10.76 -10.45
C TRP A 35 -1.42 -11.82 -11.07
N PHE A 36 -0.96 -12.81 -10.27
CA PHE A 36 -0.02 -13.84 -10.79
C PHE A 36 -0.32 -15.30 -10.36
N GLY A 37 -1.53 -15.56 -9.88
CA GLY A 37 -2.00 -16.87 -9.39
C GLY A 37 -1.92 -18.05 -10.34
N ASP A 38 -1.96 -17.81 -11.64
CA ASP A 38 -1.85 -18.81 -12.68
C ASP A 38 -1.23 -18.16 -13.92
N LEU A 39 -0.84 -18.98 -14.92
CA LEU A 39 -0.21 -18.46 -16.14
C LEU A 39 -1.08 -17.41 -16.85
N SER A 40 -2.42 -17.66 -16.95
CA SER A 40 -3.40 -16.77 -17.60
C SER A 40 -3.45 -15.38 -16.95
N LYS A 41 -3.62 -15.34 -15.60
CA LYS A 41 -3.60 -14.13 -14.78
C LYS A 41 -2.30 -13.33 -15.01
N SER A 42 -1.14 -14.03 -15.03
CA SER A 42 0.22 -13.48 -15.23
C SER A 42 0.39 -12.85 -16.61
N LEU A 43 -0.02 -13.55 -17.69
CA LEU A 43 0.02 -13.05 -19.08
C LEU A 43 -0.79 -11.76 -19.22
N TYR A 44 -1.98 -11.70 -18.58
CA TYR A 44 -2.85 -10.52 -18.56
C TYR A 44 -2.14 -9.33 -17.84
N THR A 45 -1.56 -9.60 -16.63
CA THR A 45 -0.85 -8.58 -15.84
C THR A 45 0.39 -8.07 -16.60
N LEU A 46 1.20 -8.97 -17.17
CA LEU A 46 2.39 -8.54 -17.93
C LEU A 46 2.04 -7.77 -19.20
N PHE A 47 0.82 -7.96 -19.78
CA PHE A 47 0.38 -7.17 -20.94
C PHE A 47 0.08 -5.73 -20.49
N GLN A 48 -0.58 -5.59 -19.31
CA GLN A 48 -0.92 -4.33 -18.66
C GLN A 48 0.36 -3.56 -18.30
N VAL A 49 1.33 -4.25 -17.68
CA VAL A 49 2.65 -3.73 -17.29
C VAL A 49 3.37 -3.19 -18.54
N MET A 50 3.25 -3.90 -19.68
CA MET A 50 3.83 -3.49 -20.96
C MET A 50 3.18 -2.20 -21.50
N THR A 51 1.86 -2.03 -21.29
CA THR A 51 1.15 -0.81 -21.73
C THR A 51 1.44 0.37 -20.79
N LEU A 52 2.15 0.08 -19.68
CA LEU A 52 2.58 0.98 -18.59
C LEU A 52 1.43 1.41 -17.71
N GLU A 53 0.28 0.72 -17.81
CA GLU A 53 -0.90 1.07 -17.04
C GLU A 53 -0.79 0.61 -15.59
N SER A 54 -0.72 1.58 -14.65
CA SER A 54 -0.63 1.35 -13.19
C SER A 54 0.46 0.35 -12.79
N TRP A 55 1.57 0.30 -13.57
CA TRP A 55 2.64 -0.66 -13.35
C TRP A 55 3.28 -0.50 -12.01
N SER A 56 3.56 0.73 -11.60
CA SER A 56 4.20 1.00 -10.32
C SER A 56 3.20 1.17 -9.14
N MET A 57 2.27 2.11 -9.22
CA MET A 57 1.33 2.34 -8.11
C MET A 57 0.38 1.17 -7.85
N GLY A 58 -0.08 0.55 -8.94
CA GLY A 58 -1.02 -0.55 -8.96
C GLY A 58 -0.43 -1.92 -8.81
N ILE A 59 0.78 -2.17 -9.39
CA ILE A 59 1.37 -3.52 -9.30
C ILE A 59 2.70 -3.64 -8.52
N VAL A 60 3.80 -3.04 -9.05
CA VAL A 60 5.17 -3.21 -8.56
C VAL A 60 5.43 -2.63 -7.15
N ARG A 61 4.93 -1.42 -6.79
CA ARG A 61 5.11 -0.92 -5.42
C ARG A 61 4.46 -1.94 -4.43
N PRO A 62 3.14 -2.32 -4.57
CA PRO A 62 2.58 -3.36 -3.68
C PRO A 62 3.34 -4.69 -3.67
N VAL A 63 3.91 -5.10 -4.81
CA VAL A 63 4.70 -6.35 -4.86
C VAL A 63 6.02 -6.19 -4.06
N MET A 64 6.72 -5.03 -4.22
CA MET A 64 7.98 -4.73 -3.52
C MET A 64 7.85 -4.70 -1.97
N ASN A 65 6.63 -4.55 -1.42
CA ASN A 65 6.47 -4.56 0.05
C ASN A 65 6.64 -5.97 0.65
N VAL A 66 6.52 -7.02 -0.20
CA VAL A 66 6.75 -8.42 0.15
C VAL A 66 8.12 -8.89 -0.42
N HIS A 67 8.40 -8.53 -1.69
CA HIS A 67 9.61 -8.86 -2.45
C HIS A 67 10.36 -7.57 -2.79
N PRO A 68 11.27 -7.06 -1.91
CA PRO A 68 11.93 -5.76 -2.18
C PRO A 68 12.75 -5.60 -3.47
N ASN A 69 13.09 -6.70 -4.14
CA ASN A 69 13.88 -6.64 -5.36
C ASN A 69 13.06 -6.92 -6.62
N ALA A 70 11.72 -6.89 -6.51
CA ALA A 70 10.78 -7.13 -7.62
C ALA A 70 11.09 -6.28 -8.86
N TRP A 71 11.68 -5.07 -8.65
CA TRP A 71 12.05 -4.13 -9.71
C TRP A 71 13.08 -4.71 -10.70
N VAL A 72 13.90 -5.70 -10.25
CA VAL A 72 14.94 -6.41 -11.04
C VAL A 72 14.28 -7.25 -12.14
N PHE A 73 13.00 -7.60 -11.96
CA PHE A 73 12.22 -8.36 -12.92
C PHE A 73 11.41 -7.42 -13.82
N PHE A 74 10.63 -6.53 -13.21
CA PHE A 74 9.71 -5.61 -13.89
C PHE A 74 10.34 -4.49 -14.69
N ILE A 75 11.34 -3.76 -14.17
CA ILE A 75 11.96 -2.67 -14.93
C ILE A 75 12.63 -3.25 -16.20
N PRO A 76 13.51 -4.29 -16.15
CA PRO A 76 14.06 -4.85 -17.40
C PRO A 76 13.01 -5.44 -18.34
N PHE A 77 11.87 -5.94 -17.79
CA PHE A 77 10.74 -6.48 -18.57
C PHE A 77 10.13 -5.35 -19.40
N ILE A 78 9.88 -4.19 -18.75
CA ILE A 78 9.32 -2.99 -19.37
C ILE A 78 10.26 -2.51 -20.46
N MET A 79 11.54 -2.29 -20.13
CA MET A 79 12.56 -1.80 -21.07
C MET A 79 12.69 -2.67 -22.33
N LEU A 80 12.53 -4.00 -22.19
CA LEU A 80 12.61 -4.95 -23.28
C LEU A 80 11.36 -4.99 -24.17
N THR A 81 10.19 -5.31 -23.59
CA THR A 81 8.91 -5.45 -24.30
C THR A 81 8.44 -4.15 -24.98
N THR A 82 8.57 -3.00 -24.30
CA THR A 82 8.19 -1.68 -24.85
C THR A 82 9.08 -1.33 -26.06
N PHE A 83 10.40 -1.67 -26.01
CA PHE A 83 11.32 -1.44 -27.11
C PHE A 83 11.01 -2.39 -28.28
N THR A 84 10.71 -3.67 -27.97
CA THR A 84 10.38 -4.71 -28.97
C THR A 84 9.07 -4.37 -29.70
N VAL A 85 8.03 -3.89 -28.96
CA VAL A 85 6.73 -3.49 -29.51
C VAL A 85 6.89 -2.29 -30.46
N LEU A 86 7.72 -1.30 -30.05
CA LEU A 86 8.06 -0.09 -30.82
C LEU A 86 8.77 -0.52 -32.12
N ASN A 87 9.71 -1.48 -32.01
CA ASN A 87 10.48 -2.05 -33.12
C ASN A 87 9.56 -2.84 -34.06
N LEU A 88 8.53 -3.52 -33.49
CA LEU A 88 7.54 -4.31 -34.20
C LEU A 88 6.60 -3.42 -35.03
N PHE A 89 5.97 -2.42 -34.37
CA PHE A 89 5.04 -1.49 -35.02
C PHE A 89 5.68 -0.68 -36.14
N ILE A 90 6.94 -0.22 -35.93
CA ILE A 90 7.73 0.50 -36.95
C ILE A 90 8.05 -0.46 -38.11
N GLY A 91 8.37 -1.71 -37.77
CA GLY A 91 8.69 -2.78 -38.70
C GLY A 91 7.60 -3.08 -39.71
N ILE A 92 6.33 -3.07 -39.26
CA ILE A 92 5.15 -3.30 -40.11
C ILE A 92 4.95 -2.11 -41.06
N ILE A 93 5.02 -0.87 -40.52
CA ILE A 93 4.85 0.39 -41.25
C ILE A 93 5.94 0.55 -42.34
N VAL A 94 7.21 0.24 -42.02
CA VAL A 94 8.33 0.33 -42.97
C VAL A 94 8.16 -0.70 -44.12
N ASP A 95 7.79 -1.95 -43.78
CA ASP A 95 7.54 -3.04 -44.73
C ASP A 95 6.35 -2.77 -45.65
N ALA A 96 5.33 -2.02 -45.15
CA ALA A 96 4.13 -1.65 -45.91
C ALA A 96 4.44 -0.64 -47.01
N MET A 97 5.42 0.26 -46.76
CA MET A 97 5.85 1.29 -47.71
C MET A 97 6.88 0.74 -48.68
N VAL B 6 24.12 6.92 -30.20
CA VAL B 6 23.31 5.87 -29.57
C VAL B 6 23.85 5.55 -28.17
N GLY B 7 25.17 5.34 -28.09
CA GLY B 7 25.87 5.05 -26.84
C GLY B 7 25.97 6.27 -25.96
N SER B 8 26.26 7.43 -26.59
CA SER B 8 26.37 8.75 -25.94
C SER B 8 25.02 9.21 -25.41
N VAL B 9 23.90 8.84 -26.09
CA VAL B 9 22.51 9.14 -25.73
C VAL B 9 22.16 8.38 -24.44
N ALA B 10 22.57 7.10 -24.36
CA ALA B 10 22.38 6.23 -23.20
C ALA B 10 23.24 6.70 -22.03
N ALA B 11 24.43 7.27 -22.33
CA ALA B 11 25.37 7.82 -21.36
C ALA B 11 24.83 9.12 -20.77
N LEU B 12 24.26 10.00 -21.62
CA LEU B 12 23.65 11.28 -21.23
C LEU B 12 22.44 11.04 -20.35
N LEU B 13 21.61 10.03 -20.70
CA LEU B 13 20.40 9.67 -19.97
C LEU B 13 20.72 9.10 -18.58
N THR B 14 21.77 8.27 -18.47
CA THR B 14 22.18 7.68 -17.18
C THR B 14 22.70 8.75 -16.23
N VAL B 15 23.54 9.67 -16.73
CA VAL B 15 24.12 10.79 -15.98
C VAL B 15 23.01 11.71 -15.46
N VAL B 16 22.09 12.16 -16.36
CA VAL B 16 20.95 13.03 -16.05
C VAL B 16 20.01 12.35 -15.02
N PHE B 17 19.73 11.06 -15.20
CA PHE B 17 18.89 10.27 -14.33
C PHE B 17 19.48 10.14 -12.92
N TYR B 18 20.81 9.99 -12.83
CA TYR B 18 21.51 9.90 -11.55
C TYR B 18 21.56 11.25 -10.83
N ILE B 19 21.89 12.33 -11.56
CA ILE B 19 21.94 13.71 -11.05
C ILE B 19 20.59 14.12 -10.48
N ALA B 20 19.50 13.85 -11.22
CA ALA B 20 18.12 14.14 -10.83
C ALA B 20 17.70 13.35 -9.59
N ALA B 21 18.12 12.08 -9.49
CA ALA B 21 17.83 11.19 -8.36
C ALA B 21 18.53 11.65 -7.11
N VAL B 22 19.75 12.24 -7.25
CA VAL B 22 20.52 12.85 -6.16
C VAL B 22 19.76 14.12 -5.69
N MET B 23 19.35 14.99 -6.64
CA MET B 23 18.59 16.23 -6.44
C MET B 23 17.26 15.98 -5.71
N ALA B 24 16.50 14.93 -6.12
CA ALA B 24 15.20 14.55 -5.56
C ALA B 24 15.28 14.08 -4.11
N THR B 25 16.30 13.26 -3.76
CA THR B 25 16.57 12.70 -2.42
C THR B 25 16.75 13.88 -1.42
N ASN B 26 17.47 14.92 -1.86
CA ASN B 26 17.75 16.10 -1.07
C ASN B 26 16.51 16.97 -0.90
N LEU B 27 15.78 17.17 -2.00
CA LEU B 27 14.60 18.02 -2.06
C LEU B 27 13.41 17.48 -1.32
N TYR B 28 12.97 16.24 -1.64
CA TYR B 28 11.73 15.67 -1.10
C TYR B 28 11.91 14.40 -0.26
N GLY B 29 13.15 14.04 0.04
CA GLY B 29 13.47 12.85 0.83
C GLY B 29 12.94 12.87 2.24
N ALA B 30 13.00 14.03 2.90
CA ALA B 30 12.57 14.20 4.28
C ALA B 30 11.06 14.19 4.45
N THR B 31 10.35 14.79 3.48
CA THR B 31 8.89 14.99 3.50
C THR B 31 8.12 13.88 2.78
N PHE B 32 8.78 13.17 1.85
CA PHE B 32 8.23 12.06 1.07
C PHE B 32 9.25 10.86 1.12
N PRO B 33 9.57 10.30 2.32
CA PRO B 33 10.60 9.23 2.40
C PRO B 33 10.31 7.91 1.68
N GLU B 34 9.03 7.60 1.38
CA GLU B 34 8.70 6.36 0.67
C GLU B 34 9.09 6.47 -0.80
N TRP B 35 8.93 7.67 -1.40
CA TRP B 35 9.26 7.91 -2.80
C TRP B 35 10.66 8.44 -3.03
N PHE B 36 11.25 9.18 -2.05
CA PHE B 36 12.58 9.79 -2.23
C PHE B 36 13.54 9.71 -1.01
N GLY B 37 13.24 8.81 -0.07
CA GLY B 37 14.00 8.60 1.17
C GLY B 37 15.47 8.25 1.06
N ASP B 38 15.89 7.68 -0.06
CA ASP B 38 17.27 7.33 -0.37
C ASP B 38 17.45 7.35 -1.88
N LEU B 39 18.71 7.29 -2.36
CA LEU B 39 19.00 7.32 -3.80
C LEU B 39 18.25 6.21 -4.58
N SER B 40 18.20 4.97 -4.03
CA SER B 40 17.53 3.81 -4.64
C SER B 40 16.02 4.04 -4.86
N LYS B 41 15.30 4.47 -3.79
CA LYS B 41 13.89 4.85 -3.83
C LYS B 41 13.63 5.92 -4.90
N SER B 42 14.50 6.97 -4.97
CA SER B 42 14.45 8.10 -5.91
C SER B 42 14.62 7.66 -7.37
N LEU B 43 15.63 6.82 -7.67
CA LEU B 43 15.88 6.26 -9.01
C LEU B 43 14.67 5.46 -9.51
N TYR B 44 14.03 4.68 -8.60
CA TYR B 44 12.83 3.90 -8.92
C TYR B 44 11.64 4.86 -9.25
N THR B 45 11.41 5.89 -8.40
CA THR B 45 10.34 6.87 -8.58
C THR B 45 10.55 7.65 -9.88
N LEU B 46 11.76 8.16 -10.13
CA LEU B 46 12.05 8.91 -11.37
C LEU B 46 11.93 8.05 -12.64
N PHE B 47 12.09 6.70 -12.53
CA PHE B 47 11.89 5.81 -13.69
C PHE B 47 10.39 5.75 -14.01
N GLN B 48 9.55 5.65 -12.94
CA GLN B 48 8.08 5.62 -13.01
C GLN B 48 7.56 6.94 -13.61
N VAL B 49 8.06 8.07 -13.10
CA VAL B 49 7.74 9.44 -13.56
C VAL B 49 8.06 9.56 -15.06
N MET B 50 9.18 8.97 -15.50
CA MET B 50 9.59 8.95 -16.90
C MET B 50 8.63 8.12 -17.78
N THR B 51 8.06 7.02 -17.23
CA THR B 51 7.11 6.18 -17.98
C THR B 51 5.72 6.85 -17.99
N LEU B 52 5.58 7.97 -17.25
CA LEU B 52 4.39 8.82 -17.08
C LEU B 52 3.33 8.16 -16.21
N GLU B 53 3.70 7.09 -15.50
CA GLU B 53 2.76 6.34 -14.67
C GLU B 53 2.47 7.06 -13.36
N SER B 54 1.22 7.53 -13.18
CA SER B 54 0.75 8.23 -11.97
C SER B 54 1.64 9.40 -11.52
N TRP B 55 2.30 10.07 -12.49
CA TRP B 55 3.26 11.12 -12.20
C TRP B 55 2.62 12.28 -11.51
N SER B 56 1.44 12.70 -11.96
CA SER B 56 0.75 13.83 -11.37
C SER B 56 -0.20 13.46 -10.19
N MET B 57 -1.16 12.57 -10.40
CA MET B 57 -2.11 12.22 -9.33
C MET B 57 -1.45 11.46 -8.17
N GLY B 58 -0.51 10.59 -8.51
CA GLY B 58 0.20 9.72 -7.58
C GLY B 58 1.44 10.33 -6.96
N ILE B 59 2.21 11.15 -7.71
CA ILE B 59 3.45 11.71 -7.14
C ILE B 59 3.48 13.25 -6.98
N VAL B 60 3.46 14.02 -8.09
CA VAL B 60 3.71 15.46 -8.12
C VAL B 60 2.59 16.30 -7.45
N ARG B 61 1.28 16.01 -7.64
CA ARG B 61 0.25 16.77 -6.92
C ARG B 61 0.48 16.59 -5.38
N PRO B 62 0.58 15.35 -4.80
CA PRO B 62 0.89 15.23 -3.36
C PRO B 62 2.20 15.91 -2.93
N VAL B 63 3.22 15.94 -3.80
CA VAL B 63 4.48 16.62 -3.45
C VAL B 63 4.27 18.16 -3.42
N MET B 64 3.53 18.73 -4.41
CA MET B 64 3.22 20.16 -4.49
C MET B 64 2.42 20.71 -3.31
N ASN B 65 1.73 19.86 -2.52
CA ASN B 65 0.98 20.35 -1.36
C ASN B 65 1.90 20.75 -0.19
N VAL B 66 3.16 20.28 -0.23
CA VAL B 66 4.23 20.61 0.72
C VAL B 66 5.22 21.61 0.07
N HIS B 67 5.62 21.32 -1.20
CA HIS B 67 6.57 22.07 -2.03
C HIS B 67 5.82 22.62 -3.26
N PRO B 68 5.17 23.81 -3.18
CA PRO B 68 4.37 24.32 -4.32
C PRO B 68 5.06 24.49 -5.69
N ASN B 69 6.40 24.52 -5.72
CA ASN B 69 7.14 24.71 -6.96
C ASN B 69 7.77 23.44 -7.48
N ALA B 70 7.37 22.25 -6.94
CA ALA B 70 7.90 20.94 -7.34
C ALA B 70 7.83 20.69 -8.85
N TRP B 71 6.84 21.32 -9.53
CA TRP B 71 6.63 21.23 -10.98
C TRP B 71 7.85 21.72 -11.81
N VAL B 72 8.66 22.65 -11.23
CA VAL B 72 9.87 23.22 -11.84
C VAL B 72 10.95 22.14 -12.01
N PHE B 73 10.87 21.07 -11.21
CA PHE B 73 11.79 19.94 -11.26
C PHE B 73 11.21 18.81 -12.14
N PHE B 74 9.97 18.40 -11.88
CA PHE B 74 9.30 17.29 -12.56
C PHE B 74 8.89 17.50 -13.99
N ILE B 75 8.27 18.65 -14.35
CA ILE B 75 7.85 18.90 -15.75
C ILE B 75 9.12 18.92 -16.64
N PRO B 76 10.18 19.73 -16.35
CA PRO B 76 11.40 19.68 -17.20
C PRO B 76 12.09 18.32 -17.22
N PHE B 77 11.97 17.52 -16.12
CA PHE B 77 12.53 16.16 -16.03
C PHE B 77 11.83 15.27 -17.05
N ILE B 78 10.47 15.33 -17.09
CA ILE B 78 9.62 14.58 -18.00
C ILE B 78 9.98 14.97 -19.45
N MET B 79 9.95 16.27 -19.77
CA MET B 79 10.24 16.80 -21.11
C MET B 79 11.59 16.35 -21.65
N LEU B 80 12.61 16.26 -20.76
CA LEU B 80 13.97 15.87 -21.12
C LEU B 80 14.13 14.35 -21.33
N THR B 81 13.85 13.54 -20.29
CA THR B 81 14.01 12.08 -20.30
C THR B 81 13.13 11.37 -21.35
N THR B 82 11.85 11.79 -21.50
CA THR B 82 10.94 11.20 -22.49
C THR B 82 11.43 11.50 -23.92
N PHE B 83 11.99 12.71 -24.16
CA PHE B 83 12.55 13.07 -25.47
C PHE B 83 13.84 12.26 -25.73
N THR B 84 14.71 12.12 -24.70
CA THR B 84 15.98 11.39 -24.77
C THR B 84 15.73 9.90 -25.06
N VAL B 85 14.73 9.28 -24.36
CA VAL B 85 14.34 7.87 -24.53
C VAL B 85 13.82 7.62 -25.95
N LEU B 86 12.98 8.55 -26.48
CA LEU B 86 12.43 8.52 -27.84
C LEU B 86 13.58 8.60 -28.86
N ASN B 87 14.56 9.49 -28.60
CA ASN B 87 15.77 9.69 -29.42
C ASN B 87 16.66 8.44 -29.37
N LEU B 88 16.70 7.77 -28.20
CA LEU B 88 17.48 6.55 -27.97
C LEU B 88 16.89 5.35 -28.71
N PHE B 89 15.57 5.08 -28.53
CA PHE B 89 14.87 3.97 -29.16
C PHE B 89 14.87 4.06 -30.68
N ILE B 90 14.70 5.29 -31.23
CA ILE B 90 14.76 5.54 -32.68
C ILE B 90 16.20 5.32 -33.18
N GLY B 91 17.17 5.75 -32.36
CA GLY B 91 18.60 5.61 -32.63
C GLY B 91 19.07 4.17 -32.83
N ILE B 92 18.52 3.23 -32.02
CA ILE B 92 18.84 1.79 -32.10
C ILE B 92 18.23 1.21 -33.39
N ILE B 93 16.94 1.53 -33.67
CA ILE B 93 16.16 1.08 -34.84
C ILE B 93 16.82 1.54 -36.15
N VAL B 94 17.24 2.83 -36.22
CA VAL B 94 17.91 3.41 -37.39
C VAL B 94 19.26 2.72 -37.66
N ASP B 95 20.08 2.53 -36.59
CA ASP B 95 21.39 1.88 -36.66
C ASP B 95 21.29 0.39 -37.01
N GLY C 5 -13.68 12.26 39.25
CA GLY C 5 -14.97 11.77 38.78
C GLY C 5 -15.10 11.83 37.27
N VAL C 6 -15.59 12.98 36.76
CA VAL C 6 -15.78 13.23 35.32
C VAL C 6 -14.58 14.01 34.76
N GLY C 7 -14.11 15.00 35.53
CA GLY C 7 -12.97 15.85 35.20
C GLY C 7 -11.66 15.09 35.15
N SER C 8 -11.51 14.09 36.06
CA SER C 8 -10.33 13.21 36.16
C SER C 8 -10.18 12.34 34.90
N VAL C 9 -11.31 11.87 34.33
CA VAL C 9 -11.39 11.04 33.12
C VAL C 9 -10.98 11.88 31.88
N ALA C 10 -11.43 13.16 31.82
CA ALA C 10 -11.11 14.10 30.74
C ALA C 10 -9.62 14.48 30.80
N ALA C 11 -9.06 14.61 32.02
CA ALA C 11 -7.66 14.91 32.26
C ALA C 11 -6.79 13.69 31.93
N LEU C 12 -7.32 12.47 32.21
CA LEU C 12 -6.67 11.19 31.94
C LEU C 12 -6.48 11.00 30.44
N LEU C 13 -7.54 11.30 29.65
CA LEU C 13 -7.56 11.20 28.19
C LEU C 13 -6.58 12.17 27.51
N THR C 14 -6.48 13.41 28.02
CA THR C 14 -5.56 14.44 27.48
C THR C 14 -4.09 14.09 27.72
N VAL C 15 -3.78 13.54 28.91
CA VAL C 15 -2.43 13.09 29.31
C VAL C 15 -2.01 11.90 28.42
N VAL C 16 -2.90 10.89 28.28
CA VAL C 16 -2.73 9.69 27.44
C VAL C 16 -2.54 10.10 25.98
N PHE C 17 -3.32 11.10 25.51
CA PHE C 17 -3.26 11.66 24.16
C PHE C 17 -1.95 12.42 23.89
N TYR C 18 -1.37 13.06 24.93
CA TYR C 18 -0.08 13.75 24.83
C TYR C 18 1.06 12.72 24.72
N ILE C 19 1.13 11.75 25.66
CA ILE C 19 2.14 10.69 25.72
C ILE C 19 2.18 9.88 24.43
N ALA C 20 1.00 9.50 23.92
CA ALA C 20 0.88 8.74 22.69
C ALA C 20 1.31 9.56 21.47
N ALA C 21 0.98 10.89 21.43
CA ALA C 21 1.33 11.81 20.32
C ALA C 21 2.84 12.07 20.23
N VAL C 22 3.51 12.13 21.39
CA VAL C 22 4.96 12.29 21.51
C VAL C 22 5.60 10.97 21.02
N MET C 23 5.11 9.82 21.50
CA MET C 23 5.62 8.50 21.14
C MET C 23 5.44 8.19 19.66
N ALA C 24 4.28 8.59 19.09
CA ALA C 24 3.97 8.43 17.67
C ALA C 24 4.87 9.26 16.74
N THR C 25 5.22 10.50 17.14
CA THR C 25 6.12 11.39 16.39
C THR C 25 7.52 10.79 16.42
N ASN C 26 7.95 10.35 17.61
CA ASN C 26 9.25 9.74 17.84
C ASN C 26 9.43 8.47 17.04
N LEU C 27 8.45 7.55 17.10
CA LEU C 27 8.51 6.28 16.41
C LEU C 27 8.23 6.36 14.90
N TYR C 28 7.16 7.06 14.49
CA TYR C 28 6.74 7.07 13.10
C TYR C 28 6.88 8.42 12.35
N GLY C 29 7.40 9.44 13.02
CA GLY C 29 7.56 10.76 12.44
C GLY C 29 8.53 10.93 11.29
N ALA C 30 9.53 10.07 11.20
CA ALA C 30 10.58 10.15 10.18
C ALA C 30 10.18 9.47 8.88
N THR C 31 9.39 8.40 8.97
CA THR C 31 8.91 7.54 7.87
C THR C 31 7.52 7.91 7.38
N PHE C 32 6.68 8.47 8.28
CA PHE C 32 5.32 8.93 7.95
C PHE C 32 5.18 10.39 8.43
N PRO C 33 5.90 11.34 7.76
CA PRO C 33 5.88 12.73 8.25
C PRO C 33 4.59 13.52 8.05
N GLU C 34 3.66 13.05 7.21
CA GLU C 34 2.39 13.73 6.93
C GLU C 34 1.42 13.50 8.09
N TRP C 35 1.45 12.29 8.66
CA TRP C 35 0.56 11.86 9.72
C TRP C 35 1.21 12.00 11.09
N PHE C 36 2.56 11.86 11.19
CA PHE C 36 3.28 11.89 12.47
C PHE C 36 4.51 12.80 12.54
N GLY C 37 4.73 13.67 11.56
CA GLY C 37 5.88 14.57 11.49
C GLY C 37 6.20 15.38 12.72
N ASP C 38 5.16 15.91 13.36
CA ASP C 38 5.26 16.69 14.59
C ASP C 38 4.09 16.36 15.53
N LEU C 39 4.15 16.87 16.77
CA LEU C 39 3.13 16.65 17.79
C LEU C 39 1.70 17.02 17.32
N SER C 40 1.55 18.18 16.63
CA SER C 40 0.28 18.69 16.08
C SER C 40 -0.34 17.69 15.11
N LYS C 41 0.48 17.20 14.16
CA LYS C 41 0.09 16.19 13.19
C LYS C 41 -0.32 14.88 13.87
N SER C 42 0.50 14.39 14.84
CA SER C 42 0.23 13.14 15.59
C SER C 42 -1.06 13.18 16.40
N LEU C 43 -1.30 14.28 17.14
CA LEU C 43 -2.54 14.51 17.91
C LEU C 43 -3.78 14.41 17.01
N TYR C 44 -3.68 14.97 15.77
CA TYR C 44 -4.74 14.97 14.76
C TYR C 44 -5.04 13.54 14.30
N THR C 45 -3.99 12.79 13.92
CA THR C 45 -4.04 11.39 13.45
C THR C 45 -4.51 10.44 14.54
N LEU C 46 -4.05 10.62 15.81
CA LEU C 46 -4.51 9.79 16.92
C LEU C 46 -5.99 9.98 17.16
N PHE C 47 -6.49 11.23 17.04
CA PHE C 47 -7.93 11.54 17.11
C PHE C 47 -8.69 10.84 15.98
N GLN C 48 -8.13 10.86 14.74
CA GLN C 48 -8.71 10.18 13.57
C GLN C 48 -8.77 8.67 13.85
N VAL C 49 -7.69 8.09 14.40
CA VAL C 49 -7.58 6.69 14.77
C VAL C 49 -8.66 6.33 15.82
N MET C 50 -8.90 7.25 16.78
CA MET C 50 -9.91 7.09 17.82
C MET C 50 -11.34 7.06 17.26
N THR C 51 -11.66 7.89 16.26
CA THR C 51 -12.99 7.93 15.62
C THR C 51 -13.16 6.70 14.71
N LEU C 52 -12.11 5.85 14.61
CA LEU C 52 -12.02 4.62 13.82
C LEU C 52 -12.08 4.92 12.31
N GLU C 53 -11.83 6.16 11.94
CA GLU C 53 -11.90 6.58 10.55
C GLU C 53 -10.64 6.17 9.78
N SER C 54 -10.78 5.20 8.85
CA SER C 54 -9.68 4.67 8.00
C SER C 54 -8.41 4.34 8.79
N TRP C 55 -8.57 3.92 10.08
CA TRP C 55 -7.44 3.68 10.95
C TRP C 55 -6.52 2.60 10.42
N SER C 56 -7.10 1.55 9.82
CA SER C 56 -6.35 0.41 9.32
C SER C 56 -5.94 0.54 7.85
N MET C 57 -6.90 0.68 6.92
CA MET C 57 -6.53 0.75 5.50
C MET C 57 -5.77 2.03 5.13
N GLY C 58 -6.07 3.12 5.83
CA GLY C 58 -5.51 4.45 5.62
C GLY C 58 -4.25 4.79 6.38
N ILE C 59 -4.07 4.27 7.63
CA ILE C 59 -2.89 4.59 8.46
C ILE C 59 -2.05 3.37 8.88
N VAL C 60 -2.61 2.47 9.71
CA VAL C 60 -1.86 1.35 10.33
C VAL C 60 -1.32 0.33 9.28
N ARG C 61 -2.07 -0.06 8.23
CA ARG C 61 -1.51 -0.98 7.22
C ARG C 61 -0.30 -0.31 6.51
N PRO C 62 -0.38 0.96 6.01
CA PRO C 62 0.83 1.60 5.43
C PRO C 62 2.01 1.71 6.41
N VAL C 63 1.73 1.98 7.72
CA VAL C 63 2.77 2.11 8.76
C VAL C 63 3.42 0.75 9.03
N MET C 64 2.62 -0.33 9.10
CA MET C 64 3.12 -1.69 9.35
C MET C 64 3.99 -2.26 8.21
N ASN C 65 3.91 -1.68 6.99
CA ASN C 65 4.75 -2.10 5.85
C ASN C 65 6.21 -1.70 6.08
N VAL C 66 6.41 -0.66 6.91
CA VAL C 66 7.72 -0.17 7.32
C VAL C 66 8.03 -0.68 8.74
N HIS C 67 7.08 -0.52 9.69
CA HIS C 67 7.19 -0.90 11.09
C HIS C 67 6.20 -2.04 11.38
N PRO C 68 6.59 -3.31 11.15
CA PRO C 68 5.65 -4.43 11.32
C PRO C 68 4.96 -4.62 12.67
N ASN C 69 5.54 -4.13 13.74
CA ASN C 69 4.92 -4.30 15.05
C ASN C 69 4.15 -3.06 15.49
N ALA C 70 3.86 -2.13 14.55
CA ALA C 70 3.11 -0.90 14.85
C ALA C 70 1.75 -1.19 15.51
N TRP C 71 1.13 -2.36 15.21
CA TRP C 71 -0.15 -2.83 15.77
C TRP C 71 -0.15 -2.92 17.31
N VAL C 72 1.04 -3.16 17.92
CA VAL C 72 1.18 -3.24 19.39
C VAL C 72 1.04 -1.81 20.00
N PHE C 73 1.19 -0.76 19.16
CA PHE C 73 1.00 0.62 19.58
C PHE C 73 -0.49 1.01 19.40
N PHE C 74 -0.97 0.98 18.13
CA PHE C 74 -2.29 1.45 17.71
C PHE C 74 -3.51 0.65 18.20
N ILE C 75 -3.47 -0.70 18.24
CA ILE C 75 -4.61 -1.50 18.73
C ILE C 75 -4.84 -1.24 20.25
N PRO C 76 -3.80 -1.32 21.15
CA PRO C 76 -4.03 -0.95 22.56
C PRO C 76 -4.50 0.49 22.77
N PHE C 77 -4.06 1.44 21.90
CA PHE C 77 -4.49 2.86 21.92
C PHE C 77 -5.98 2.95 21.66
N ILE C 78 -6.48 2.26 20.60
CA ILE C 78 -7.89 2.17 20.20
C ILE C 78 -8.74 1.63 21.34
N MET C 79 -8.38 0.45 21.89
CA MET C 79 -9.10 -0.22 22.97
C MET C 79 -9.22 0.68 24.19
N LEU C 80 -8.14 1.40 24.55
CA LEU C 80 -8.11 2.31 25.70
C LEU C 80 -8.91 3.61 25.48
N THR C 81 -8.74 4.28 24.33
CA THR C 81 -9.40 5.55 24.03
C THR C 81 -10.89 5.40 23.75
N THR C 82 -11.32 4.30 23.09
CA THR C 82 -12.76 4.07 22.83
C THR C 82 -13.48 3.62 24.10
N PHE C 83 -12.72 3.17 25.12
CA PHE C 83 -13.26 2.80 26.41
C PHE C 83 -13.37 4.07 27.26
N THR C 84 -12.32 4.91 27.29
CA THR C 84 -12.27 6.15 28.07
C THR C 84 -13.37 7.13 27.62
N VAL C 85 -13.54 7.32 26.30
CA VAL C 85 -14.57 8.18 25.69
C VAL C 85 -15.97 7.65 26.07
N LEU C 86 -16.17 6.32 26.03
CA LEU C 86 -17.43 5.65 26.41
C LEU C 86 -17.70 5.85 27.91
N ASN C 87 -16.64 5.85 28.73
CA ASN C 87 -16.74 6.08 30.17
C ASN C 87 -16.99 7.54 30.49
N LEU C 88 -16.50 8.46 29.63
CA LEU C 88 -16.67 9.91 29.76
C LEU C 88 -18.07 10.34 29.34
N PHE C 89 -18.53 9.90 28.15
CA PHE C 89 -19.85 10.20 27.58
C PHE C 89 -21.00 9.74 28.49
N ILE C 90 -20.90 8.51 29.06
CA ILE C 90 -21.89 7.98 30.00
C ILE C 90 -21.78 8.73 31.34
N GLY C 91 -20.55 9.11 31.71
CA GLY C 91 -20.24 9.87 32.91
C GLY C 91 -20.89 11.24 32.96
N ILE C 92 -20.94 11.94 31.81
CA ILE C 92 -21.56 13.27 31.67
C ILE C 92 -23.10 13.17 31.78
N ILE C 93 -23.70 12.19 31.06
CA ILE C 93 -25.15 11.92 31.02
C ILE C 93 -25.69 11.58 32.42
N VAL C 94 -25.00 10.69 33.18
CA VAL C 94 -25.40 10.27 34.54
C VAL C 94 -25.29 11.46 35.51
N ASP C 95 -24.13 12.14 35.54
CA ASP C 95 -23.88 13.30 36.41
C ASP C 95 -24.51 14.56 35.83
N GLY D 5 -19.01 -13.81 34.54
CA GLY D 5 -19.56 -12.47 34.61
C GLY D 5 -18.97 -11.53 33.57
N VAL D 6 -17.85 -10.87 33.91
CA VAL D 6 -17.14 -9.94 33.03
C VAL D 6 -15.95 -10.67 32.37
N GLY D 7 -15.24 -11.48 33.16
CA GLY D 7 -14.10 -12.28 32.71
C GLY D 7 -14.48 -13.34 31.70
N SER D 8 -15.67 -13.94 31.87
CA SER D 8 -16.23 -14.97 30.99
C SER D 8 -16.51 -14.42 29.59
N VAL D 9 -16.98 -13.15 29.50
CA VAL D 9 -17.29 -12.43 28.27
C VAL D 9 -15.98 -12.11 27.50
N ALA D 10 -14.92 -11.71 28.23
CA ALA D 10 -13.60 -11.42 27.66
C ALA D 10 -12.95 -12.70 27.15
N ALA D 11 -13.15 -13.83 27.86
CA ALA D 11 -12.66 -15.16 27.48
C ALA D 11 -13.43 -15.69 26.28
N LEU D 12 -14.74 -15.38 26.22
CA LEU D 12 -15.67 -15.77 25.14
C LEU D 12 -15.24 -15.12 23.83
N LEU D 13 -14.91 -13.81 23.88
CA LEU D 13 -14.47 -13.02 22.73
C LEU D 13 -13.12 -13.48 22.16
N THR D 14 -12.16 -13.85 23.04
CA THR D 14 -10.83 -14.34 22.64
C THR D 14 -10.91 -15.71 21.95
N VAL D 15 -11.77 -16.61 22.46
CA VAL D 15 -12.02 -17.95 21.92
C VAL D 15 -12.66 -17.82 20.52
N VAL D 16 -13.73 -16.98 20.40
CA VAL D 16 -14.45 -16.66 19.16
C VAL D 16 -13.49 -16.06 18.14
N PHE D 17 -12.59 -15.15 18.60
CA PHE D 17 -11.58 -14.49 17.78
C PHE D 17 -10.52 -15.45 17.27
N TYR D 18 -10.18 -16.50 18.06
CA TYR D 18 -9.22 -17.52 17.67
C TYR D 18 -9.84 -18.45 16.59
N ILE D 19 -11.05 -19.00 16.85
CA ILE D 19 -11.79 -19.90 15.95
C ILE D 19 -12.04 -19.24 14.59
N ALA D 20 -12.46 -17.96 14.60
CA ALA D 20 -12.72 -17.19 13.40
C ALA D 20 -11.43 -16.92 12.61
N ALA D 21 -10.30 -16.63 13.31
CA ALA D 21 -8.98 -16.36 12.71
C ALA D 21 -8.38 -17.59 12.02
N VAL D 22 -8.59 -18.77 12.62
CA VAL D 22 -8.15 -20.05 12.09
C VAL D 22 -9.02 -20.35 10.84
N MET D 23 -10.34 -20.17 10.95
CA MET D 23 -11.27 -20.44 9.84
C MET D 23 -11.05 -19.49 8.68
N ALA D 24 -10.75 -18.22 8.95
CA ALA D 24 -10.44 -17.19 7.96
C ALA D 24 -9.15 -17.47 7.17
N THR D 25 -8.10 -17.96 7.86
CA THR D 25 -6.82 -18.32 7.22
C THR D 25 -7.05 -19.53 6.33
N ASN D 26 -7.77 -20.54 6.85
CA ASN D 26 -8.09 -21.76 6.13
C ASN D 26 -8.91 -21.49 4.89
N LEU D 27 -10.00 -20.69 5.00
CA LEU D 27 -10.89 -20.36 3.90
C LEU D 27 -10.32 -19.35 2.92
N TYR D 28 -9.79 -18.21 3.42
CA TYR D 28 -9.38 -17.12 2.56
C TYR D 28 -7.86 -16.84 2.51
N GLY D 29 -7.07 -17.62 3.21
CA GLY D 29 -5.62 -17.43 3.25
C GLY D 29 -4.82 -17.64 1.99
N ALA D 30 -5.33 -18.45 1.07
CA ALA D 30 -4.67 -18.80 -0.19
C ALA D 30 -4.86 -17.76 -1.28
N THR D 31 -6.06 -17.14 -1.29
CA THR D 31 -6.57 -16.16 -2.26
C THR D 31 -6.37 -14.71 -1.80
N PHE D 32 -6.39 -14.48 -0.48
CA PHE D 32 -6.18 -13.16 0.11
C PHE D 32 -5.06 -13.28 1.17
N PRO D 33 -3.79 -13.53 0.73
CA PRO D 33 -2.72 -13.78 1.72
C PRO D 33 -2.23 -12.56 2.51
N GLU D 34 -2.56 -11.33 2.12
CA GLU D 34 -2.14 -10.13 2.84
C GLU D 34 -3.00 -9.89 4.06
N TRP D 35 -4.30 -10.24 3.96
CA TRP D 35 -5.28 -10.07 5.01
C TRP D 35 -5.51 -11.35 5.81
N PHE D 36 -5.34 -12.53 5.18
CA PHE D 36 -5.61 -13.83 5.81
C PHE D 36 -4.53 -14.90 5.67
N GLY D 37 -3.34 -14.56 5.19
CA GLY D 37 -2.23 -15.49 4.97
C GLY D 37 -1.87 -16.42 6.12
N ASP D 38 -1.86 -15.88 7.34
CA ASP D 38 -1.59 -16.60 8.57
C ASP D 38 -2.50 -16.11 9.70
N LEU D 39 -2.48 -16.82 10.84
CA LEU D 39 -3.28 -16.50 12.03
C LEU D 39 -3.11 -15.04 12.51
N SER D 40 -1.85 -14.54 12.55
CA SER D 40 -1.48 -13.17 12.96
C SER D 40 -2.17 -12.15 12.09
N LYS D 41 -2.08 -12.34 10.76
CA LYS D 41 -2.73 -11.50 9.75
C LYS D 41 -4.25 -11.51 9.91
N SER D 42 -4.87 -12.72 10.05
CA SER D 42 -6.32 -12.89 10.21
C SER D 42 -6.88 -12.24 11.46
N LEU D 43 -6.22 -12.43 12.63
CA LEU D 43 -6.58 -11.81 13.91
C LEU D 43 -6.63 -10.28 13.78
N TYR D 44 -5.65 -9.70 13.04
CA TYR D 44 -5.53 -8.26 12.78
C TYR D 44 -6.72 -7.75 11.96
N THR D 45 -7.02 -8.45 10.83
CA THR D 45 -8.12 -8.14 9.90
C THR D 45 -9.49 -8.34 10.55
N LEU D 46 -9.69 -9.40 11.36
CA LEU D 46 -10.94 -9.63 12.07
C LEU D 46 -11.20 -8.50 13.06
N PHE D 47 -10.14 -8.01 13.75
CA PHE D 47 -10.23 -6.84 14.64
C PHE D 47 -10.63 -5.59 13.84
N GLN D 48 -10.03 -5.39 12.63
CA GLN D 48 -10.36 -4.28 11.73
C GLN D 48 -11.84 -4.38 11.32
N VAL D 49 -12.30 -5.60 10.96
CA VAL D 49 -13.69 -5.91 10.60
C VAL D 49 -14.64 -5.54 11.78
N MET D 50 -14.20 -5.83 13.01
CA MET D 50 -14.95 -5.55 14.23
C MET D 50 -15.11 -4.03 14.49
N THR D 51 -14.06 -3.23 14.20
CA THR D 51 -14.11 -1.76 14.38
C THR D 51 -14.94 -1.13 13.23
N LEU D 52 -15.42 -1.98 12.29
CA LEU D 52 -16.22 -1.64 11.11
C LEU D 52 -15.44 -0.81 10.11
N GLU D 53 -14.12 -0.81 10.23
CA GLU D 53 -13.26 0.00 9.37
C GLU D 53 -13.04 -0.66 8.02
N SER D 54 -13.60 -0.07 6.95
CA SER D 54 -13.50 -0.55 5.56
C SER D 54 -13.79 -2.06 5.41
N TRP D 55 -14.67 -2.61 6.30
CA TRP D 55 -14.95 -4.03 6.32
C TRP D 55 -15.51 -4.53 5.00
N SER D 56 -16.37 -3.71 4.37
CA SER D 56 -17.05 -4.08 3.13
C SER D 56 -16.32 -3.64 1.87
N MET D 57 -16.07 -2.34 1.69
CA MET D 57 -15.41 -1.88 0.46
C MET D 57 -13.95 -2.33 0.35
N GLY D 58 -13.29 -2.44 1.51
CA GLY D 58 -11.89 -2.80 1.62
C GLY D 58 -11.55 -4.27 1.76
N ILE D 59 -12.43 -5.09 2.41
CA ILE D 59 -12.16 -6.53 2.58
C ILE D 59 -13.23 -7.47 1.99
N VAL D 60 -14.48 -7.45 2.52
CA VAL D 60 -15.54 -8.40 2.15
C VAL D 60 -15.96 -8.32 0.65
N ARG D 61 -16.12 -7.11 0.05
CA ARG D 61 -16.44 -7.06 -1.40
C ARG D 61 -15.31 -7.69 -2.23
N PRO D 62 -13.99 -7.37 -2.03
CA PRO D 62 -12.93 -8.09 -2.78
C PRO D 62 -12.93 -9.60 -2.56
N VAL D 63 -13.23 -10.07 -1.30
CA VAL D 63 -13.25 -11.50 -0.97
C VAL D 63 -14.43 -12.19 -1.65
N MET D 64 -15.62 -11.55 -1.67
CA MET D 64 -16.83 -12.09 -2.31
C MET D 64 -16.73 -12.23 -3.84
N ASN D 65 -15.79 -11.51 -4.49
CA ASN D 65 -15.55 -11.58 -5.95
C ASN D 65 -14.97 -12.95 -6.30
N VAL D 66 -14.26 -13.56 -5.32
CA VAL D 66 -13.67 -14.90 -5.45
C VAL D 66 -14.58 -15.92 -4.73
N HIS D 67 -14.97 -15.62 -3.46
CA HIS D 67 -15.80 -16.46 -2.59
C HIS D 67 -17.16 -15.78 -2.39
N PRO D 68 -18.14 -15.99 -3.29
CA PRO D 68 -19.43 -15.29 -3.18
C PRO D 68 -20.25 -15.43 -1.90
N ASN D 69 -20.05 -16.50 -1.14
CA ASN D 69 -20.81 -16.68 0.09
C ASN D 69 -20.01 -16.24 1.32
N ALA D 70 -18.91 -15.49 1.12
CA ALA D 70 -18.09 -14.97 2.24
C ALA D 70 -18.90 -14.19 3.28
N TRP D 71 -20.00 -13.52 2.85
CA TRP D 71 -20.92 -12.74 3.69
C TRP D 71 -21.54 -13.57 4.85
N VAL D 72 -21.67 -14.92 4.67
CA VAL D 72 -22.20 -15.87 5.68
C VAL D 72 -21.18 -15.99 6.82
N PHE D 73 -19.90 -15.65 6.54
CA PHE D 73 -18.87 -15.68 7.55
C PHE D 73 -18.80 -14.32 8.28
N PHE D 74 -18.50 -13.23 7.51
CA PHE D 74 -18.24 -11.88 8.02
C PHE D 74 -19.45 -11.12 8.65
N ILE D 75 -20.68 -11.21 8.09
CA ILE D 75 -21.84 -10.53 8.67
C ILE D 75 -22.18 -11.15 10.07
N PRO D 76 -22.32 -12.50 10.22
CA PRO D 76 -22.54 -13.07 11.57
C PRO D 76 -21.41 -12.73 12.57
N PHE D 77 -20.14 -12.62 12.09
CA PHE D 77 -18.98 -12.26 12.90
C PHE D 77 -19.17 -10.86 13.47
N ILE D 78 -19.53 -9.88 12.58
CA ILE D 78 -19.81 -8.48 12.93
C ILE D 78 -20.91 -8.38 13.99
N MET D 79 -22.08 -9.00 13.72
CA MET D 79 -23.23 -8.98 14.61
C MET D 79 -22.89 -9.51 16.00
N LEU D 80 -22.11 -10.61 16.06
CA LEU D 80 -21.68 -11.24 17.30
C LEU D 80 -20.62 -10.44 18.08
N THR D 81 -19.57 -9.96 17.39
CA THR D 81 -18.46 -9.23 18.03
C THR D 81 -18.84 -7.82 18.47
N THR D 82 -19.70 -7.11 17.71
CA THR D 82 -20.14 -5.77 18.10
C THR D 82 -21.18 -5.85 19.22
N PHE D 83 -21.78 -7.03 19.44
CA PHE D 83 -22.71 -7.27 20.54
C PHE D 83 -21.89 -7.62 21.79
N THR D 84 -20.88 -8.52 21.65
CA THR D 84 -20.02 -8.99 22.76
C THR D 84 -19.24 -7.81 23.37
N VAL D 85 -18.64 -6.95 22.52
CA VAL D 85 -17.89 -5.75 22.93
C VAL D 85 -18.83 -4.78 23.68
N LEU D 86 -20.06 -4.59 23.16
CA LEU D 86 -21.10 -3.75 23.78
C LEU D 86 -21.52 -4.32 25.13
N ASN D 87 -21.57 -5.65 25.25
CA ASN D 87 -21.92 -6.35 26.48
C ASN D 87 -20.77 -6.29 27.49
N LEU D 88 -19.52 -6.25 26.99
CA LEU D 88 -18.29 -6.18 27.80
C LEU D 88 -18.09 -4.77 28.35
N PHE D 89 -18.14 -3.75 27.46
CA PHE D 89 -17.97 -2.33 27.80
C PHE D 89 -18.98 -1.85 28.84
N ILE D 90 -20.27 -2.23 28.70
CA ILE D 90 -21.32 -1.87 29.66
C ILE D 90 -21.12 -2.70 30.95
N GLY D 91 -20.64 -3.93 30.80
CA GLY D 91 -20.33 -4.84 31.90
C GLY D 91 -19.27 -4.32 32.85
N ILE D 92 -18.21 -3.67 32.30
CA ILE D 92 -17.10 -3.09 33.08
C ILE D 92 -17.59 -1.83 33.84
N ILE D 93 -18.34 -0.93 33.16
CA ILE D 93 -18.89 0.31 33.72
C ILE D 93 -19.85 0.03 34.90
N VAL D 94 -20.77 -0.95 34.75
CA VAL D 94 -21.73 -1.33 35.79
C VAL D 94 -21.01 -1.95 37.01
N ASP D 95 -20.14 -2.96 36.77
CA ASP D 95 -19.36 -3.63 37.81
C ASP D 95 -18.16 -2.79 38.21
C9 2CV E . 17.01 3.02 -13.63
C12 2CV E . 16.07 2.26 -12.71
C15 2CV E . 16.72 1.87 -11.40
C18 2CV E . 15.78 1.33 -10.35
C21 2CV E . 16.42 1.24 -8.99
C24 2CV E . 15.62 0.49 -7.95
C27 2CV E . 15.94 0.97 -6.54
C30 2CV E . 16.04 -0.14 -5.52
N33 2CV E . 15.14 -0.17 -4.50
O34 2CV E . 17.00 -0.89 -5.54
C35 2CV E . 14.15 0.88 -4.20
C36 2CV E . 15.07 -1.31 -3.59
C37 2CV E . 16.13 -1.35 -2.49
C40 2CV E . 16.01 -2.60 -1.62
C41 2CV E . 17.09 -2.69 -0.55
O47 2CV E . 16.06 -0.16 -1.69
O49 2CV E . 16.07 -3.77 -2.43
O51 2CV E . 16.66 -2.01 0.63
C60 2CV E . 12.79 0.64 -4.82
O63 2CV E . 11.95 1.76 -4.59
C1 2CV E . 16.41 3.40 -14.97
C0 2CV E . 17.29 4.30 -15.80
OH2 1PE F . 12.35 -10.41 -18.47
C12 1PE F . 12.60 -10.64 -17.09
C22 1PE F . 14.03 -10.39 -16.77
OH3 1PE F . 14.31 -10.77 -15.43
C13 1PE F . 15.89 -10.81 -13.66
C23 1PE F . 15.69 -10.80 -15.13
OH4 1PE F . 15.32 -11.99 -13.08
C14 1PE F . 14.83 -12.09 -10.73
C24 1PE F . 14.33 -11.72 -12.10
OH5 1PE F . 13.78 -11.94 -9.78
C15 1PE F . 12.89 -10.31 -8.27
C25 1PE F . 14.11 -11.08 -8.70
OH6 1PE F . 11.99 -11.10 -7.50
NA NA G . -3.40 5.64 -13.52
NA NA H . -2.14 5.80 -15.79
NA NA I . -0.71 5.97 -18.41
NA NA J . 1.46 6.24 -22.34
C9 2CV K . 3.62 23.02 -19.30
C12 2CV K . 3.70 24.19 -18.34
C15 2CV K . 3.44 23.82 -16.89
C18 2CV K . 3.36 25.02 -15.97
C21 2CV K . 2.77 24.72 -14.62
C24 2CV K . 2.62 25.93 -13.72
C27 2CV K . 1.79 25.62 -12.48
C30 2CV K . 2.14 26.45 -11.27
N33 2CV K . 1.47 26.22 -10.12
O34 2CV K . 2.96 27.36 -11.37
C35 2CV K . 0.24 25.43 -9.97
C36 2CV K . 2.05 26.66 -8.85
C37 2CV K . 1.70 28.08 -8.38
C40 2CV K . 2.37 28.31 -7.03
C41 2CV K . 1.90 29.57 -6.32
O47 2CV K . 0.28 28.22 -8.28
O49 2CV K . 3.79 28.36 -7.21
O51 2CV K . 1.90 29.34 -4.92
C60 2CV K . 0.45 23.95 -9.74
O63 2CV K . -0.79 23.31 -9.54
C1 2CV K . 3.74 23.39 -20.77
OH2 1PE L . 16.56 17.48 -14.85
C12 1PE L . 15.60 18.42 -14.36
C22 1PE L . 16.19 19.20 -13.23
OH3 1PE L . 15.28 20.21 -12.80
C13 1PE L . 15.13 22.46 -12.00
C23 1PE L . 15.82 21.53 -12.95
OH4 1PE L . 15.38 22.09 -10.66
C14 1PE L . 15.07 23.00 -8.45
C24 1PE L . 15.61 23.23 -9.82
OH5 1PE L . 13.65 23.14 -8.44
C15 1PE L . 11.72 22.60 -7.13
C25 1PE L . 13.11 23.16 -7.12
OH6 1PE L . 11.22 22.40 -5.82
C9 2CV M . -7.31 -8.93 18.50
C12 2CV M . -5.82 -9.16 18.59
C15 2CV M . -5.02 -8.54 17.46
C18 2CV M . -3.57 -9.00 17.37
C21 2CV M . -2.88 -8.57 16.10
C24 2CV M . -1.50 -9.16 15.88
C27 2CV M . -1.19 -9.31 14.39
C30 2CV M . 0.28 -9.41 14.08
N33 2CV M . 0.68 -9.09 12.82
O34 2CV M . 1.06 -9.90 14.90
C35 2CV M . -0.27 -8.94 11.69
C36 2CV M . 2.08 -8.74 12.61
C37 2CV M . 3.02 -9.87 12.23
C40 2CV M . 4.49 -9.44 12.30
O47 2CV M . 2.73 -10.32 10.90
O49 2CV M . 4.76 -8.82 13.55
C60 2CV M . 0.08 -7.84 10.71
O63 2CV M . -0.52 -8.06 9.44
C1 2CV M . -8.14 -9.77 19.46
C22 1PE N . 5.19 -0.02 21.98
OH3 1PE N . 5.23 0.59 20.70
C13 1PE N . 5.63 -0.27 18.50
C23 1PE N . 6.21 0.03 19.84
OH4 1PE N . 6.59 -0.09 17.46
C14 1PE N . 7.19 -1.03 15.34
C24 1PE N . 6.92 -1.30 16.78
OH5 1PE N . 7.64 -2.21 14.68
NA NA O . -14.21 4.32 6.12
NA NA P . -15.36 4.18 8.21
AG AG Q . 4.54 1.85 3.51
C9 2CV R . -28.94 -8.17 6.73
C12 2CV R . -28.94 -9.41 5.84
C15 2CV R . -27.82 -9.44 4.82
C18 2CV R . -27.89 -10.60 3.84
C21 2CV R . -26.87 -10.50 2.74
C24 2CV R . -27.01 -11.52 1.62
C27 2CV R . -26.28 -11.06 0.36
C30 2CV R . -26.01 -12.17 -0.63
N33 2CV R . -25.32 -11.87 -1.75
O34 2CV R . -26.55 -13.26 -0.48
C35 2CV R . -25.09 -10.49 -2.24
C36 2CV R . -24.55 -12.90 -2.46
C37 2CV R . -25.28 -14.03 -3.17
O47 2CV R . -24.42 -15.17 -3.28
C60 2CV R . -23.65 -10.06 -2.23
O63 2CV R . -23.41 -9.11 -3.27
C1 2CV R . -30.19 -8.00 7.57
OH3 1PE S . -17.26 -20.60 9.70
C13 1PE S . -18.45 -20.15 7.65
C23 1PE S . -17.50 -21.05 8.37
OH4 1PE S . -18.57 -20.56 6.30
C14 1PE S . -18.28 -20.08 3.97
C24 1PE S . -18.36 -19.51 5.35
OH5 1PE S . -18.15 -19.05 2.99
C15 1PE S . -17.32 -19.48 0.77
C25 1PE S . -16.97 -19.14 2.19
OH6 1PE S . -17.80 -18.34 0.07
NA NA T . -17.77 3.88 12.59
#